data_3FNC
#
_entry.id   3FNC
#
_cell.length_a   39.974
_cell.length_b   61.030
_cell.length_c   75.132
_cell.angle_alpha   90.000
_cell.angle_beta   92.080
_cell.angle_gamma   90.000
#
_symmetry.space_group_name_H-M   'P 1 21 1'
#
loop_
_entity.id
_entity.type
_entity.pdbx_description
1 polymer 'Putative acetyltransferase'
2 non-polymer 'MALONATE ION'
3 non-polymer 1,2-ETHANEDIOL
4 water water
#
_entity_poly.entity_id   1
_entity_poly.type   'polypeptide(L)'
_entity_poly.pdbx_seq_one_letter_code
;SNA(MSE)DFHIRKATNSDAEAIQHVATTSWHHTYQDLIPSDVQDDFLKRFYNVETLHNRISATPFAVLEQADKVIGFAN
FIELEKGKSELAAFYLLPEVTQRGLGTELLEVG(MSE)TLFHVPLP(MSE)FVNVEKGNETAIHFYKAKGFVQVEEFTED
FYGYPLETIRFNLNH
;
_entity_poly.pdbx_strand_id   A,B
#
# COMPACT_ATOMS: atom_id res chain seq x y z
N ASP A 5 7.17 23.67 -27.14
CA ASP A 5 8.21 22.80 -26.58
C ASP A 5 7.87 22.29 -25.17
N PHE A 6 8.33 21.10 -24.86
CA PHE A 6 8.06 20.55 -23.55
C PHE A 6 9.39 20.05 -23.03
N HIS A 7 9.46 19.88 -21.72
CA HIS A 7 10.65 19.36 -21.08
C HIS A 7 10.22 18.37 -20.05
N ILE A 8 11.02 17.32 -19.91
CA ILE A 8 10.85 16.36 -18.83
C ILE A 8 12.08 16.51 -17.99
N ARG A 9 11.91 16.50 -16.67
CA ARG A 9 13.04 16.67 -15.79
C ARG A 9 12.77 15.98 -14.49
N LYS A 10 13.84 15.74 -13.75
CA LYS A 10 13.71 15.24 -12.40
C LYS A 10 12.93 16.26 -11.57
N ALA A 11 12.06 15.76 -10.72
CA ALA A 11 11.31 16.60 -9.81
C ALA A 11 12.19 17.07 -8.64
N THR A 12 11.79 18.17 -8.00
CA THR A 12 12.37 18.59 -6.70
C THR A 12 11.25 18.76 -5.70
N ASN A 13 11.59 18.91 -4.43
CA ASN A 13 10.54 19.15 -3.42
C ASN A 13 9.59 20.32 -3.74
N SER A 14 10.13 21.35 -4.39
N SER A 14 10.09 21.37 -4.39
CA SER A 14 9.36 22.54 -4.77
CA SER A 14 9.26 22.55 -4.68
C SER A 14 8.18 22.22 -5.68
C SER A 14 8.24 22.31 -5.81
N ASP A 15 8.27 21.11 -6.40
CA ASP A 15 7.21 20.69 -7.33
C ASP A 15 5.99 20.12 -6.60
N ALA A 16 6.03 20.02 -5.27
CA ALA A 16 4.93 19.34 -4.54
C ALA A 16 3.55 19.93 -4.85
N GLU A 17 3.42 21.27 -4.79
CA GLU A 17 2.11 21.89 -5.09
C GLU A 17 1.60 21.59 -6.49
N ALA A 18 2.50 21.65 -7.48
CA ALA A 18 2.12 21.38 -8.86
C ALA A 18 1.69 19.92 -9.04
N ILE A 19 2.43 19.02 -8.41
CA ILE A 19 2.10 17.59 -8.45
C ILE A 19 0.74 17.32 -7.79
N GLN A 20 0.52 17.93 -6.63
CA GLN A 20 -0.79 17.84 -5.98
C GLN A 20 -1.92 18.28 -6.93
N HIS A 21 -1.72 19.38 -7.62
CA HIS A 21 -2.74 19.90 -8.53
C HIS A 21 -3.00 18.95 -9.70
N VAL A 22 -1.94 18.40 -10.28
CA VAL A 22 -2.10 17.47 -11.41
C VAL A 22 -2.89 16.23 -10.92
N ALA A 23 -2.46 15.65 -9.82
CA ALA A 23 -3.14 14.48 -9.28
C ALA A 23 -4.61 14.77 -8.95
N THR A 24 -4.86 15.94 -8.35
CA THR A 24 -6.23 16.27 -7.92
C THR A 24 -7.14 16.44 -9.15
N THR A 25 -6.66 17.20 -10.13
CA THR A 25 -7.42 17.43 -11.36
C THR A 25 -7.68 16.10 -12.08
N SER A 26 -6.64 15.30 -12.21
CA SER A 26 -6.80 13.99 -12.88
C SER A 26 -7.77 13.08 -12.13
N TRP A 27 -7.59 12.92 -10.82
CA TRP A 27 -8.54 12.12 -10.02
C TRP A 27 -10.00 12.53 -10.20
N HIS A 28 -10.27 13.83 -10.05
CA HIS A 28 -11.65 14.31 -10.11
C HIS A 28 -12.27 14.03 -11.47
N HIS A 29 -11.45 14.07 -12.52
CA HIS A 29 -11.94 13.81 -13.86
C HIS A 29 -12.13 12.31 -14.13
N THR A 30 -11.09 11.53 -13.91
CA THR A 30 -11.14 10.09 -14.28
C THR A 30 -12.04 9.25 -13.38
N TYR A 31 -12.06 9.55 -12.08
CA TYR A 31 -12.82 8.72 -11.11
C TYR A 31 -14.27 9.16 -10.88
N GLN A 32 -14.72 10.14 -11.67
CA GLN A 32 -16.03 10.77 -11.44
C GLN A 32 -17.21 9.78 -11.36
N ASP A 33 -17.11 8.65 -12.06
CA ASP A 33 -18.21 7.68 -12.02
C ASP A 33 -17.84 6.39 -11.29
N LEU A 34 -16.58 6.34 -10.85
N LEU A 34 -16.56 6.27 -10.94
CA LEU A 34 -15.98 5.15 -10.31
CA LEU A 34 -16.06 5.05 -10.36
C LEU A 34 -15.87 5.18 -8.78
C LEU A 34 -16.13 5.06 -8.83
N ILE A 35 -15.71 6.38 -8.21
N ILE A 35 -15.92 6.24 -8.24
CA ILE A 35 -15.46 6.53 -6.78
CA ILE A 35 -15.75 6.33 -6.80
C ILE A 35 -16.16 7.81 -6.29
C ILE A 35 -16.17 7.70 -6.28
N PRO A 36 -16.91 7.74 -5.16
CA PRO A 36 -17.47 8.98 -4.62
C PRO A 36 -16.42 10.09 -4.41
N SER A 37 -16.84 11.34 -4.64
CA SER A 37 -15.95 12.51 -4.49
C SER A 37 -15.30 12.58 -3.13
N ASP A 38 -16.06 12.29 -2.08
CA ASP A 38 -15.52 12.41 -0.74
C ASP A 38 -14.38 11.42 -0.48
N VAL A 39 -14.48 10.24 -1.09
CA VAL A 39 -13.41 9.25 -1.02
C VAL A 39 -12.18 9.71 -1.80
N GLN A 40 -12.40 10.25 -3.00
CA GLN A 40 -11.29 10.76 -3.80
C GLN A 40 -10.54 11.82 -2.98
N ASP A 41 -11.29 12.70 -2.35
CA ASP A 41 -10.69 13.83 -1.67
C ASP A 41 -9.98 13.40 -0.41
N ASP A 42 -10.51 12.38 0.25
CA ASP A 42 -9.84 11.81 1.39
C ASP A 42 -8.45 11.28 1.01
N PHE A 43 -8.40 10.47 -0.05
CA PHE A 43 -7.15 9.92 -0.56
C PHE A 43 -6.20 11.03 -0.97
N LEU A 44 -6.71 12.01 -1.71
CA LEU A 44 -5.83 13.09 -2.18
C LEU A 44 -5.23 13.89 -1.02
N LYS A 45 -6.03 14.11 0.02
N LYS A 45 -6.03 14.14 0.01
CA LYS A 45 -5.57 14.84 1.20
CA LYS A 45 -5.51 14.84 1.19
C LYS A 45 -4.57 14.01 2.02
C LYS A 45 -4.44 13.99 1.86
N ARG A 46 -4.72 12.70 1.97
CA ARG A 46 -3.87 11.76 2.69
C ARG A 46 -2.52 11.59 1.98
N PHE A 47 -2.56 11.42 0.66
CA PHE A 47 -1.34 11.01 -0.05
C PHE A 47 -0.69 12.12 -0.90
N TYR A 48 -1.47 13.15 -1.24
CA TYR A 48 -1.00 14.23 -2.11
C TYR A 48 -0.98 15.60 -1.43
N ASN A 49 -1.10 15.62 -0.10
CA ASN A 49 -0.78 16.84 0.64
C ASN A 49 0.72 17.14 0.48
N VAL A 50 1.07 18.41 0.63
CA VAL A 50 2.42 18.87 0.34
C VAL A 50 3.49 18.19 1.23
N GLU A 51 3.19 18.04 2.52
N GLU A 51 3.19 18.02 2.51
CA GLU A 51 4.11 17.41 3.47
CA GLU A 51 4.14 17.42 3.44
C GLU A 51 4.46 15.96 3.06
C GLU A 51 4.47 15.97 3.05
N THR A 52 3.42 15.19 2.78
CA THR A 52 3.59 13.80 2.34
C THR A 52 4.32 13.76 1.00
N LEU A 53 4.00 14.71 0.10
CA LEU A 53 4.69 14.74 -1.16
C LEU A 53 6.18 15.03 -1.00
N HIS A 54 6.57 15.92 -0.09
CA HIS A 54 7.97 16.13 0.17
C HIS A 54 8.67 14.81 0.56
N ASN A 55 8.02 14.03 1.42
CA ASN A 55 8.58 12.75 1.82
C ASN A 55 8.69 11.77 0.64
N ARG A 56 7.63 11.71 -0.17
CA ARG A 56 7.61 10.81 -1.31
C ARG A 56 8.69 11.19 -2.36
N ILE A 57 8.78 12.47 -2.68
CA ILE A 57 9.73 12.95 -3.71
C ILE A 57 11.16 12.71 -3.23
N SER A 58 11.40 12.89 -1.94
CA SER A 58 12.71 12.62 -1.34
C SER A 58 13.10 11.15 -1.31
N ALA A 59 12.08 10.27 -1.22
CA ALA A 59 12.29 8.82 -1.01
C ALA A 59 12.50 8.05 -2.31
N THR A 60 11.86 8.49 -3.39
CA THR A 60 11.84 7.73 -4.65
C THR A 60 11.78 8.71 -5.84
N PRO A 61 12.19 8.22 -7.04
CA PRO A 61 12.29 9.07 -8.25
C PRO A 61 10.93 9.57 -8.75
N PHE A 62 10.81 10.90 -8.89
CA PHE A 62 9.69 11.50 -9.62
C PHE A 62 10.26 12.27 -10.79
N ALA A 63 9.60 12.14 -11.93
CA ALA A 63 9.85 13.03 -13.07
C ALA A 63 8.62 13.90 -13.30
N VAL A 64 8.84 15.13 -13.75
CA VAL A 64 7.74 15.99 -14.17
C VAL A 64 7.84 16.35 -15.66
N LEU A 65 6.67 16.54 -16.25
CA LEU A 65 6.53 17.06 -17.59
C LEU A 65 6.12 18.51 -17.43
N GLU A 66 6.85 19.40 -18.09
CA GLU A 66 6.55 20.81 -17.98
C GLU A 66 6.44 21.38 -19.40
N GLN A 67 5.58 22.34 -19.55
CA GLN A 67 5.34 22.95 -20.85
C GLN A 67 4.74 24.30 -20.54
N ALA A 68 5.19 25.34 -21.22
CA ALA A 68 4.72 26.69 -20.92
C ALA A 68 4.97 27.02 -19.42
N ASP A 69 6.11 26.55 -18.90
CA ASP A 69 6.54 26.84 -17.52
C ASP A 69 5.55 26.36 -16.45
N LYS A 70 4.88 25.25 -16.71
CA LYS A 70 3.88 24.74 -15.77
C LYS A 70 4.10 23.26 -15.79
N VAL A 71 4.07 22.63 -14.61
CA VAL A 71 4.10 21.18 -14.54
C VAL A 71 2.70 20.67 -14.93
N ILE A 72 2.65 19.81 -15.94
CA ILE A 72 1.37 19.35 -16.51
C ILE A 72 1.21 17.83 -16.40
N GLY A 73 2.21 17.18 -15.82
CA GLY A 73 2.18 15.73 -15.69
C GLY A 73 3.32 15.27 -14.79
N PHE A 74 3.19 14.08 -14.23
CA PHE A 74 4.30 13.55 -13.40
C PHE A 74 4.26 12.02 -13.37
N ALA A 75 5.41 11.42 -13.04
CA ALA A 75 5.53 9.97 -12.93
C ALA A 75 6.43 9.68 -11.74
N ASN A 76 6.09 8.62 -11.00
CA ASN A 76 6.87 8.18 -9.87
C ASN A 76 7.27 6.73 -10.15
N PHE A 77 8.57 6.49 -10.24
CA PHE A 77 9.11 5.15 -10.46
C PHE A 77 9.69 4.63 -9.15
N ILE A 78 9.37 3.38 -8.82
CA ILE A 78 9.89 2.80 -7.61
C ILE A 78 10.53 1.45 -7.91
N GLU A 79 11.77 1.28 -7.47
CA GLU A 79 12.42 -0.04 -7.57
C GLU A 79 11.82 -1.01 -6.53
N LEU A 80 11.46 -2.23 -6.99
CA LEU A 80 10.73 -3.22 -6.18
C LEU A 80 11.64 -4.27 -5.55
N GLU A 81 12.60 -4.74 -6.34
CA GLU A 81 13.50 -5.80 -5.95
C GLU A 81 14.51 -5.87 -7.10
N LYS A 82 15.53 -6.68 -6.96
CA LYS A 82 16.54 -6.79 -7.99
C LYS A 82 15.88 -6.89 -9.37
N GLY A 83 16.24 -5.95 -10.23
CA GLY A 83 15.82 -5.96 -11.64
C GLY A 83 14.34 -5.74 -11.96
N LYS A 84 13.55 -5.23 -11.02
CA LYS A 84 12.11 -4.96 -11.26
C LYS A 84 11.66 -3.65 -10.64
N SER A 85 10.68 -3.01 -11.26
CA SER A 85 10.26 -1.69 -10.80
C SER A 85 8.76 -1.53 -10.91
N GLU A 86 8.25 -0.47 -10.30
CA GLU A 86 6.83 -0.18 -10.37
C GLU A 86 6.64 1.25 -10.84
N LEU A 87 5.73 1.44 -11.80
CA LEU A 87 5.23 2.80 -12.12
C LEU A 87 4.15 3.07 -11.07
N ALA A 88 4.59 3.68 -9.96
CA ALA A 88 3.75 3.88 -8.79
C ALA A 88 2.68 4.95 -9.00
N ALA A 89 2.99 5.96 -9.82
CA ALA A 89 2.04 7.02 -10.13
C ALA A 89 2.38 7.55 -11.52
N PHE A 90 1.34 7.84 -12.29
CA PHE A 90 1.52 8.39 -13.62
C PHE A 90 0.26 9.19 -13.95
N TYR A 91 0.39 10.51 -14.07
CA TYR A 91 -0.77 11.37 -14.35
C TYR A 91 -0.42 12.47 -15.33
N LEU A 92 -1.36 12.75 -16.23
CA LEU A 92 -1.31 13.95 -17.07
C LEU A 92 -2.56 14.77 -16.78
N LEU A 93 -2.46 16.10 -16.90
CA LEU A 93 -3.68 16.90 -16.91
C LEU A 93 -4.51 16.43 -18.11
N PRO A 94 -5.84 16.39 -17.96
CA PRO A 94 -6.70 15.97 -19.09
C PRO A 94 -6.44 16.81 -20.37
N GLU A 95 -5.99 18.05 -20.16
CA GLU A 95 -5.79 19.00 -21.26
C GLU A 95 -4.56 18.68 -22.12
N VAL A 96 -3.69 17.80 -21.64
CA VAL A 96 -2.43 17.57 -22.35
C VAL A 96 -2.29 16.13 -22.84
N THR A 97 -3.40 15.40 -22.81
CA THR A 97 -3.47 14.03 -23.28
C THR A 97 -3.58 13.97 -24.81
N GLN A 98 -3.33 12.79 -25.38
CA GLN A 98 -3.50 12.52 -26.82
C GLN A 98 -2.56 13.35 -27.72
N ARG A 99 -1.40 13.70 -27.18
CA ARG A 99 -0.43 14.51 -27.89
C ARG A 99 0.98 13.94 -27.88
N GLY A 100 1.13 12.70 -27.47
CA GLY A 100 2.44 12.04 -27.46
C GLY A 100 3.28 12.38 -26.23
N LEU A 101 2.72 13.23 -25.35
CA LEU A 101 3.49 13.66 -24.18
C LEU A 101 3.59 12.62 -23.07
N GLY A 102 2.59 11.75 -22.95
CA GLY A 102 2.64 10.70 -21.91
C GLY A 102 3.75 9.73 -22.29
N THR A 103 3.82 9.42 -23.58
CA THR A 103 4.89 8.57 -24.09
C THR A 103 6.28 9.12 -23.75
N GLU A 104 6.46 10.44 -23.96
CA GLU A 104 7.73 11.09 -23.64
C GLU A 104 8.02 11.04 -22.15
N LEU A 105 7.02 11.34 -21.34
CA LEU A 105 7.21 11.31 -19.87
C LEU A 105 7.67 9.94 -19.40
N LEU A 106 7.02 8.89 -19.90
CA LEU A 106 7.32 7.51 -19.54
C LEU A 106 8.75 7.15 -19.97
N GLU A 107 9.03 7.32 -21.27
CA GLU A 107 10.31 6.84 -21.84
C GLU A 107 11.48 7.67 -21.31
N VAL A 108 11.33 9.00 -21.28
CA VAL A 108 12.38 9.86 -20.76
C VAL A 108 12.57 9.73 -19.24
N GLY A 109 11.47 9.58 -18.49
CA GLY A 109 11.58 9.37 -17.03
C GLY A 109 12.37 8.09 -16.74
N THR A 111 14.66 6.59 -18.67
CA THR A 111 16.07 6.94 -18.95
C THR A 111 16.74 7.71 -17.82
N LEU A 112 16.09 8.76 -17.34
CA LEU A 112 16.69 9.66 -16.37
C LEU A 112 17.04 8.89 -15.11
N PHE A 113 16.17 7.95 -14.74
CA PHE A 113 16.41 7.17 -13.51
C PHE A 113 16.91 5.75 -13.72
N HIS A 114 17.32 5.41 -14.96
CA HIS A 114 17.82 4.05 -15.25
C HIS A 114 16.87 3.01 -14.67
N VAL A 115 15.58 3.16 -14.98
CA VAL A 115 14.55 2.30 -14.38
C VAL A 115 14.66 0.86 -14.90
N PRO A 116 14.73 -0.14 -13.99
CA PRO A 116 14.87 -1.51 -14.49
C PRO A 116 13.55 -2.07 -15.01
N LEU A 117 13.67 -2.97 -15.98
CA LEU A 117 12.52 -3.68 -16.54
C LEU A 117 12.62 -5.13 -16.10
N PRO A 118 11.48 -5.77 -15.79
CA PRO A 118 10.13 -5.34 -15.99
C PRO A 118 9.66 -4.27 -15.02
N PHE A 120 6.10 -2.65 -13.53
CA PHE A 120 4.70 -3.05 -13.32
C PHE A 120 3.84 -1.81 -13.06
N VAL A 121 2.57 -1.90 -13.45
CA VAL A 121 1.65 -0.80 -13.14
C VAL A 121 0.26 -1.33 -12.78
N ASN A 122 -0.36 -0.75 -11.74
CA ASN A 122 -1.76 -1.09 -11.43
C ASN A 122 -2.67 -0.04 -12.02
N VAL A 123 -3.69 -0.49 -12.74
CA VAL A 123 -4.59 0.43 -13.45
C VAL A 123 -6.03 0.07 -13.11
N GLU A 124 -6.81 1.09 -12.76
CA GLU A 124 -8.20 0.86 -12.46
C GLU A 124 -8.90 0.43 -13.76
N LYS A 125 -9.57 -0.71 -13.70
CA LYS A 125 -10.15 -1.36 -14.85
C LYS A 125 -11.17 -0.44 -15.55
N GLY A 126 -11.79 0.47 -14.79
CA GLY A 126 -12.77 1.40 -15.33
C GLY A 126 -12.19 2.57 -16.14
N ASN A 127 -10.88 2.81 -15.99
CA ASN A 127 -10.23 3.91 -16.71
C ASN A 127 -9.81 3.46 -18.10
N GLU A 128 -10.76 3.53 -19.03
CA GLU A 128 -10.55 3.02 -20.38
C GLU A 128 -9.43 3.73 -21.11
N THR A 129 -9.33 5.04 -20.86
CA THR A 129 -8.30 5.86 -21.45
C THR A 129 -6.92 5.40 -21.00
N ALA A 130 -6.76 5.16 -19.70
CA ALA A 130 -5.48 4.67 -19.19
C ALA A 130 -5.18 3.26 -19.70
N ILE A 131 -6.19 2.38 -19.67
CA ILE A 131 -6.00 1.00 -20.16
C ILE A 131 -5.51 1.00 -21.61
N HIS A 132 -6.17 1.81 -22.45
CA HIS A 132 -5.78 1.97 -23.84
C HIS A 132 -4.32 2.45 -24.00
N PHE A 133 -3.94 3.45 -23.20
CA PHE A 133 -2.59 3.99 -23.25
C PHE A 133 -1.56 2.90 -22.91
N TYR A 134 -1.74 2.22 -21.78
CA TYR A 134 -0.75 1.21 -21.39
C TYR A 134 -0.68 0.09 -22.44
N LYS A 135 -1.83 -0.37 -22.91
CA LYS A 135 -1.82 -1.39 -23.97
C LYS A 135 -1.08 -0.87 -25.22
N ALA A 136 -1.34 0.39 -25.59
CA ALA A 136 -0.64 0.98 -26.74
C ALA A 136 0.88 1.09 -26.57
N LYS A 137 1.33 1.26 -25.34
CA LYS A 137 2.75 1.34 -25.04
C LYS A 137 3.39 -0.04 -24.91
N GLY A 138 2.60 -1.11 -25.06
CA GLY A 138 3.16 -2.46 -25.03
C GLY A 138 3.08 -3.15 -23.68
N PHE A 139 2.33 -2.58 -22.74
CA PHE A 139 2.15 -3.22 -21.44
C PHE A 139 1.24 -4.43 -21.60
N VAL A 140 1.48 -5.48 -20.83
CA VAL A 140 0.72 -6.72 -20.95
C VAL A 140 0.19 -7.14 -19.59
N GLN A 141 -1.06 -7.61 -19.53
CA GLN A 141 -1.67 -7.96 -18.25
C GLN A 141 -0.96 -9.11 -17.51
N VAL A 142 -0.77 -8.97 -16.23
CA VAL A 142 -0.20 -10.05 -15.40
C VAL A 142 -1.18 -10.59 -14.39
N GLU A 143 -2.00 -9.69 -13.84
CA GLU A 143 -2.92 -10.05 -12.75
C GLU A 143 -4.13 -9.15 -12.80
N GLU A 144 -5.20 -9.61 -12.16
CA GLU A 144 -6.40 -8.81 -12.01
C GLU A 144 -7.02 -9.13 -10.66
N PHE A 145 -7.52 -8.11 -9.97
CA PHE A 145 -8.11 -8.29 -8.64
C PHE A 145 -9.00 -7.11 -8.24
N THR A 146 -9.85 -7.33 -7.23
CA THR A 146 -10.63 -6.26 -6.64
C THR A 146 -9.98 -5.74 -5.36
N GLU A 147 -9.63 -4.46 -5.33
CA GLU A 147 -9.04 -3.81 -4.14
C GLU A 147 -10.15 -3.37 -3.23
N ASP A 148 -9.94 -3.51 -1.92
CA ASP A 148 -10.80 -2.81 -0.98
C ASP A 148 -10.18 -1.42 -0.83
N PHE A 149 -10.87 -0.39 -1.31
CA PHE A 149 -10.36 0.96 -1.26
C PHE A 149 -11.38 1.79 -0.49
N TYR A 150 -11.09 2.07 0.79
CA TYR A 150 -12.05 2.75 1.67
C TYR A 150 -13.39 2.00 1.75
N GLY A 151 -13.32 0.68 1.64
CA GLY A 151 -14.50 -0.17 1.75
C GLY A 151 -15.20 -0.37 0.42
N TYR A 152 -14.70 0.31 -0.63
CA TYR A 152 -15.27 0.20 -1.99
C TYR A 152 -14.46 -0.78 -2.83
N PRO A 153 -15.14 -1.50 -3.74
CA PRO A 153 -14.46 -2.42 -4.66
C PRO A 153 -13.85 -1.56 -5.76
N LEU A 154 -12.59 -1.79 -6.01
CA LEU A 154 -11.92 -1.11 -7.09
C LEU A 154 -11.33 -2.24 -7.89
N GLU A 155 -11.87 -2.48 -9.08
CA GLU A 155 -11.31 -3.51 -9.94
C GLU A 155 -10.06 -2.99 -10.62
N THR A 156 -8.99 -3.79 -10.54
CA THR A 156 -7.66 -3.33 -10.92
C THR A 156 -7.04 -4.36 -11.85
N ILE A 157 -6.37 -3.87 -12.88
CA ILE A 157 -5.60 -4.76 -13.75
C ILE A 157 -4.15 -4.41 -13.53
N ARG A 158 -3.32 -5.42 -13.32
CA ARG A 158 -1.88 -5.17 -13.12
C ARG A 158 -1.17 -5.59 -14.42
N PHE A 159 -0.36 -4.69 -14.96
CA PHE A 159 0.35 -4.92 -16.24
C PHE A 159 1.84 -4.87 -15.99
N ASN A 160 2.64 -5.47 -16.87
N ASN A 160 2.64 -5.45 -16.89
CA ASN A 160 4.09 -5.14 -16.90
CA ASN A 160 4.07 -5.11 -16.89
C ASN A 160 4.53 -4.70 -18.29
C ASN A 160 4.52 -4.71 -18.29
N LEU A 161 5.63 -3.96 -18.33
CA LEU A 161 6.33 -3.63 -19.58
C LEU A 161 7.74 -4.20 -19.43
N ASN A 162 8.22 -4.91 -20.45
CA ASN A 162 9.53 -5.53 -20.35
C ASN A 162 10.38 -5.37 -21.61
N HIS A 163 10.11 -4.32 -22.38
CA HIS A 163 10.97 -3.96 -23.49
C HIS A 163 10.96 -2.44 -23.67
N ALA B 3 22.06 -11.26 19.93
CA ALA B 3 21.13 -10.59 18.98
C ALA B 3 21.73 -10.64 17.59
N ASP B 5 21.35 -9.12 13.22
CA ASP B 5 20.80 -8.12 12.30
C ASP B 5 19.43 -8.58 11.80
N PHE B 6 18.62 -7.61 11.45
CA PHE B 6 17.30 -7.89 10.90
C PHE B 6 17.05 -6.75 9.95
N HIS B 7 16.11 -6.93 9.05
CA HIS B 7 15.72 -5.87 8.14
C HIS B 7 14.22 -5.70 8.23
N ILE B 8 13.76 -4.46 8.05
CA ILE B 8 12.35 -4.23 7.79
C ILE B 8 12.33 -3.68 6.35
N ARG B 9 11.47 -4.23 5.51
CA ARG B 9 11.38 -3.84 4.12
C ARG B 9 9.97 -4.05 3.62
N LYS B 10 9.66 -3.48 2.47
CA LYS B 10 8.39 -3.74 1.80
C LYS B 10 8.31 -5.20 1.42
N ALA B 11 7.11 -5.76 1.56
CA ALA B 11 6.88 -7.13 1.05
C ALA B 11 6.97 -7.15 -0.48
N THR B 12 7.35 -8.30 -1.01
CA THR B 12 7.28 -8.55 -2.43
C THR B 12 6.39 -9.77 -2.66
N ASN B 13 5.97 -9.99 -3.90
CA ASN B 13 5.12 -11.15 -4.18
C ASN B 13 5.72 -12.47 -3.67
N SER B 14 7.04 -12.59 -3.75
N SER B 14 7.03 -12.60 -3.75
CA SER B 14 7.74 -13.81 -3.37
CA SER B 14 7.70 -13.85 -3.38
C SER B 14 7.54 -14.16 -1.90
C SER B 14 7.75 -14.10 -1.87
N ASP B 15 7.22 -13.15 -1.10
CA ASP B 15 7.09 -13.29 0.35
C ASP B 15 5.77 -13.96 0.73
N ALA B 16 4.89 -14.21 -0.24
CA ALA B 16 3.53 -14.69 0.07
C ALA B 16 3.53 -15.99 0.90
N GLU B 17 4.33 -16.97 0.49
CA GLU B 17 4.42 -18.22 1.26
C GLU B 17 4.90 -18.00 2.71
N ALA B 18 5.89 -17.13 2.89
CA ALA B 18 6.43 -16.89 4.24
C ALA B 18 5.41 -16.15 5.11
N ILE B 19 4.67 -15.23 4.51
CA ILE B 19 3.63 -14.48 5.24
C ILE B 19 2.51 -15.42 5.65
N GLN B 20 2.10 -16.29 4.72
CA GLN B 20 1.16 -17.34 5.06
C GLN B 20 1.60 -18.20 6.27
N HIS B 21 2.87 -18.60 6.25
CA HIS B 21 3.45 -19.35 7.37
C HIS B 21 3.41 -18.59 8.71
N VAL B 22 3.80 -17.32 8.71
CA VAL B 22 3.80 -16.53 9.93
C VAL B 22 2.37 -16.41 10.46
N ALA B 23 1.43 -16.10 9.58
CA ALA B 23 0.02 -15.95 9.97
C ALA B 23 -0.52 -17.26 10.55
N THR B 24 -0.23 -18.37 9.88
CA THR B 24 -0.74 -19.68 10.29
C THR B 24 -0.15 -20.11 11.64
N THR B 25 1.17 -19.96 11.81
CA THR B 25 1.82 -20.33 13.08
C THR B 25 1.27 -19.44 14.20
N SER B 26 1.18 -18.13 13.95
CA SER B 26 0.70 -17.21 14.99
C SER B 26 -0.74 -17.53 15.36
N TRP B 27 -1.60 -17.73 14.35
CA TRP B 27 -3.01 -18.08 14.63
C TRP B 27 -3.13 -19.34 15.50
N HIS B 28 -2.43 -20.39 15.08
CA HIS B 28 -2.55 -21.69 15.76
C HIS B 28 -2.10 -21.57 17.21
N HIS B 29 -1.09 -20.74 17.45
CA HIS B 29 -0.59 -20.49 18.80
C HIS B 29 -1.59 -19.66 19.62
N THR B 30 -1.99 -18.49 19.12
CA THR B 30 -2.70 -17.55 20.00
C THR B 30 -4.18 -17.90 20.18
N TYR B 31 -4.75 -18.62 19.21
CA TYR B 31 -6.18 -18.94 19.27
C TYR B 31 -6.43 -20.37 19.73
N GLN B 32 -5.38 -21.06 20.17
CA GLN B 32 -5.48 -22.48 20.52
C GLN B 32 -6.58 -22.89 21.54
N ASP B 33 -6.91 -22.01 22.48
CA ASP B 33 -7.98 -22.36 23.42
C ASP B 33 -9.32 -21.69 23.09
N LEU B 34 -9.40 -21.02 21.95
CA LEU B 34 -10.58 -20.21 21.64
C LEU B 34 -11.37 -20.75 20.47
N ILE B 35 -10.65 -21.13 19.42
CA ILE B 35 -11.27 -21.53 18.15
C ILE B 35 -10.62 -22.85 17.73
N PRO B 36 -11.41 -23.83 17.27
CA PRO B 36 -10.87 -25.06 16.67
C PRO B 36 -9.97 -24.79 15.47
N SER B 37 -8.95 -25.62 15.27
CA SER B 37 -7.98 -25.29 14.21
C SER B 37 -8.58 -25.36 12.78
N ASP B 38 -9.53 -26.26 12.56
CA ASP B 38 -10.20 -26.37 11.25
C ASP B 38 -10.94 -25.08 10.87
N VAL B 39 -11.47 -24.39 11.87
CA VAL B 39 -12.14 -23.14 11.64
C VAL B 39 -11.10 -22.02 11.39
N GLN B 40 -10.07 -21.98 12.23
CA GLN B 40 -8.94 -21.10 11.98
C GLN B 40 -8.39 -21.29 10.56
N ASP B 41 -8.26 -22.54 10.15
CA ASP B 41 -7.68 -22.83 8.84
C ASP B 41 -8.57 -22.35 7.69
N ASP B 42 -9.88 -22.36 7.88
CA ASP B 42 -10.76 -21.83 6.83
C ASP B 42 -10.55 -20.34 6.64
N PHE B 43 -10.42 -19.60 7.75
CA PHE B 43 -10.11 -18.18 7.64
C PHE B 43 -8.76 -17.97 6.94
N LEU B 44 -7.75 -18.73 7.35
CA LEU B 44 -6.39 -18.63 6.77
C LEU B 44 -6.42 -18.97 5.27
N LYS B 45 -7.23 -19.96 4.89
CA LYS B 45 -7.39 -20.30 3.47
C LYS B 45 -8.00 -19.16 2.66
N ARG B 46 -8.97 -18.49 3.25
CA ARG B 46 -9.65 -17.40 2.56
C ARG B 46 -8.76 -16.17 2.40
N PHE B 47 -8.01 -15.81 3.44
CA PHE B 47 -7.36 -14.48 3.45
C PHE B 47 -5.83 -14.53 3.29
N TYR B 48 -5.27 -15.73 3.48
CA TYR B 48 -3.81 -15.93 3.46
C TYR B 48 -3.38 -16.98 2.48
N ASN B 49 -4.24 -17.35 1.53
CA ASN B 49 -3.76 -18.18 0.42
C ASN B 49 -2.84 -17.34 -0.46
N VAL B 50 -1.99 -18.00 -1.22
CA VAL B 50 -0.93 -17.30 -1.92
C VAL B 50 -1.47 -16.29 -2.95
N GLU B 51 -2.51 -16.69 -3.69
CA GLU B 51 -3.06 -15.78 -4.71
C GLU B 51 -3.62 -14.48 -4.10
N THR B 52 -4.42 -14.62 -3.06
CA THR B 52 -4.95 -13.45 -2.36
C THR B 52 -3.84 -12.59 -1.80
N LEU B 53 -2.77 -13.23 -1.27
CA LEU B 53 -1.65 -12.46 -0.75
C LEU B 53 -0.91 -11.71 -1.85
N HIS B 54 -0.71 -12.34 -3.01
CA HIS B 54 -0.12 -11.59 -4.11
C HIS B 54 -0.90 -10.33 -4.40
N ASN B 55 -2.22 -10.45 -4.46
CA ASN B 55 -3.09 -9.30 -4.73
C ASN B 55 -3.01 -8.22 -3.67
N ARG B 56 -3.04 -8.64 -2.41
CA ARG B 56 -2.98 -7.72 -1.27
C ARG B 56 -1.63 -6.99 -1.22
N ILE B 57 -0.56 -7.75 -1.48
CA ILE B 57 0.80 -7.16 -1.52
C ILE B 57 0.91 -6.13 -2.65
N SER B 58 0.31 -6.42 -3.81
CA SER B 58 0.28 -5.48 -4.93
C SER B 58 -0.49 -4.21 -4.64
N ALA B 59 -1.56 -4.33 -3.86
CA ALA B 59 -2.56 -3.28 -3.78
C ALA B 59 -2.49 -2.45 -2.51
N THR B 60 -1.83 -2.98 -1.47
CA THR B 60 -1.91 -2.36 -0.15
C THR B 60 -0.54 -2.44 0.55
N PRO B 61 -0.27 -1.49 1.45
CA PRO B 61 1.01 -1.45 2.17
C PRO B 61 1.25 -2.69 3.04
N PHE B 62 2.31 -3.42 2.68
CA PHE B 62 2.69 -4.62 3.38
C PHE B 62 4.16 -4.54 3.68
N ALA B 63 4.52 -4.64 4.97
CA ALA B 63 5.93 -4.62 5.38
C ALA B 63 6.27 -5.97 5.99
N VAL B 64 7.52 -6.41 5.80
CA VAL B 64 7.99 -7.64 6.46
C VAL B 64 9.20 -7.39 7.33
N LEU B 65 9.31 -8.23 8.35
CA LEU B 65 10.48 -8.27 9.23
C LEU B 65 11.24 -9.52 8.84
N GLU B 66 12.53 -9.38 8.54
CA GLU B 66 13.29 -10.50 8.04
C GLU B 66 14.55 -10.65 8.91
N GLN B 67 14.88 -11.88 9.30
CA GLN B 67 16.10 -12.13 10.10
C GLN B 67 16.61 -13.55 9.83
N ALA B 68 17.93 -13.72 9.77
CA ALA B 68 18.53 -14.98 9.35
C ALA B 68 17.94 -15.48 8.02
N ASP B 69 17.70 -14.54 7.10
CA ASP B 69 17.15 -14.80 5.74
C ASP B 69 15.69 -15.32 5.73
N LYS B 70 14.96 -15.13 6.82
CA LYS B 70 13.61 -15.68 6.86
C LYS B 70 12.67 -14.57 7.25
N VAL B 71 11.53 -14.46 6.56
CA VAL B 71 10.46 -13.55 7.02
C VAL B 71 9.87 -14.11 8.34
N ILE B 72 9.94 -13.31 9.39
CA ILE B 72 9.49 -13.74 10.72
C ILE B 72 8.36 -12.88 11.29
N GLY B 73 7.92 -11.87 10.54
CA GLY B 73 6.80 -11.02 10.95
C GLY B 73 6.34 -10.20 9.75
N PHE B 74 5.12 -9.70 9.83
CA PHE B 74 4.65 -8.77 8.79
C PHE B 74 3.56 -7.85 9.32
N ALA B 75 3.35 -6.76 8.59
CA ALA B 75 2.29 -5.80 8.97
C ALA B 75 1.62 -5.33 7.71
N ASN B 76 0.31 -5.18 7.77
CA ASN B 76 -0.42 -4.63 6.62
C ASN B 76 -1.22 -3.43 7.10
N PHE B 77 -1.02 -2.28 6.45
CA PHE B 77 -1.64 -1.01 6.86
C PHE B 77 -2.68 -0.66 5.82
N ILE B 78 -3.89 -0.30 6.26
CA ILE B 78 -4.95 0.07 5.32
C ILE B 78 -5.52 1.47 5.67
N GLU B 79 -6.06 2.15 4.67
CA GLU B 79 -6.63 3.48 4.84
C GLU B 79 -7.99 3.43 5.48
N LEU B 80 -8.23 4.36 6.39
CA LEU B 80 -9.57 4.66 6.89
C LEU B 80 -9.89 6.10 6.49
N GLU B 81 -11.16 6.47 6.53
CA GLU B 81 -11.53 7.86 6.23
C GLU B 81 -10.89 8.88 7.20
N LYS B 82 -10.76 10.11 6.73
CA LYS B 82 -10.40 11.25 7.57
C LYS B 82 -8.99 11.22 8.13
N GLY B 83 -8.07 10.67 7.34
CA GLY B 83 -6.65 10.69 7.67
C GLY B 83 -6.30 9.70 8.75
N LYS B 84 -7.14 8.67 8.89
N LYS B 84 -7.13 8.66 8.86
CA LYS B 84 -6.90 7.61 9.87
CA LYS B 84 -6.93 7.62 9.87
C LYS B 84 -6.39 6.35 9.17
C LYS B 84 -6.45 6.32 9.19
N SER B 85 -5.77 5.48 9.96
CA SER B 85 -5.21 4.25 9.42
C SER B 85 -5.61 3.08 10.26
N GLU B 86 -5.56 1.90 9.64
CA GLU B 86 -5.77 0.67 10.41
C GLU B 86 -4.64 -0.29 10.21
N LEU B 87 -4.18 -0.86 11.33
CA LEU B 87 -3.26 -1.95 11.29
C LEU B 87 -4.08 -3.22 11.07
N ALA B 88 -4.29 -3.56 9.80
CA ALA B 88 -5.21 -4.62 9.42
C ALA B 88 -4.63 -6.00 9.79
N ALA B 89 -3.30 -6.11 9.78
CA ALA B 89 -2.65 -7.37 10.17
C ALA B 89 -1.32 -7.00 10.81
N PHE B 90 -1.00 -7.64 11.92
CA PHE B 90 0.29 -7.42 12.56
C PHE B 90 0.63 -8.73 13.27
N TYR B 91 1.56 -9.50 12.71
CA TYR B 91 1.89 -10.82 13.25
C TYR B 91 3.40 -11.00 13.35
N LEU B 92 3.86 -11.55 14.48
CA LEU B 92 5.22 -12.04 14.62
C LEU B 92 5.17 -13.53 14.92
N LEU B 93 6.14 -14.31 14.44
CA LEU B 93 6.29 -15.67 14.97
C LEU B 93 6.44 -15.59 16.49
N PRO B 94 5.84 -16.55 17.22
CA PRO B 94 5.95 -16.61 18.67
C PRO B 94 7.42 -16.56 19.12
N GLU B 95 8.31 -17.10 18.29
CA GLU B 95 9.75 -17.21 18.62
C GLU B 95 10.54 -15.90 18.59
N VAL B 96 9.94 -14.85 18.02
CA VAL B 96 10.68 -13.61 17.79
C VAL B 96 10.04 -12.44 18.50
N THR B 97 9.12 -12.76 19.41
CA THR B 97 8.51 -11.75 20.26
C THR B 97 9.44 -11.41 21.42
N GLN B 98 9.19 -10.27 22.05
CA GLN B 98 9.91 -9.86 23.26
C GLN B 98 11.37 -9.51 23.00
N ARG B 99 11.70 -9.17 21.75
N ARG B 99 11.72 -9.19 21.74
CA ARG B 99 13.08 -8.86 21.33
CA ARG B 99 13.09 -8.86 21.37
C ARG B 99 13.27 -7.43 20.82
C ARG B 99 13.21 -7.49 20.69
N GLY B 100 12.20 -6.63 20.85
CA GLY B 100 12.24 -5.27 20.31
C GLY B 100 11.90 -5.20 18.82
N LEU B 101 11.64 -6.35 18.22
CA LEU B 101 11.46 -6.39 16.77
C LEU B 101 10.07 -5.89 16.30
N GLY B 102 9.05 -6.05 17.13
CA GLY B 102 7.71 -5.60 16.73
C GLY B 102 7.64 -4.07 16.66
N THR B 103 8.33 -3.42 17.60
CA THR B 103 8.43 -1.98 17.61
C THR B 103 9.03 -1.48 16.30
N GLU B 104 10.10 -2.14 15.85
CA GLU B 104 10.78 -1.76 14.60
C GLU B 104 9.87 -1.99 13.39
N LEU B 105 9.26 -3.17 13.35
CA LEU B 105 8.34 -3.47 12.24
C LEU B 105 7.25 -2.41 12.11
N LEU B 106 6.63 -2.07 13.24
CA LEU B 106 5.58 -1.04 13.27
C LEU B 106 6.10 0.34 12.87
N GLU B 107 7.17 0.79 13.51
CA GLU B 107 7.64 2.16 13.29
C GLU B 107 8.22 2.34 11.90
N VAL B 108 9.02 1.39 11.44
CA VAL B 108 9.67 1.46 10.13
C VAL B 108 8.68 1.16 9.00
N GLY B 109 7.76 0.22 9.25
CA GLY B 109 6.67 -0.05 8.32
C GLY B 109 5.86 1.20 8.04
N THR B 111 6.86 4.37 8.33
CA THR B 111 7.75 5.23 7.51
C THR B 111 7.76 4.88 6.02
N LEU B 112 7.98 3.60 5.72
CA LEU B 112 8.06 3.11 4.35
C LEU B 112 6.83 3.45 3.55
N PHE B 113 5.66 3.47 4.21
CA PHE B 113 4.43 3.66 3.48
C PHE B 113 3.73 4.97 3.77
N HIS B 114 4.41 5.87 4.47
CA HIS B 114 3.84 7.20 4.76
C HIS B 114 2.51 7.08 5.51
N VAL B 115 2.42 6.11 6.41
CA VAL B 115 1.18 5.84 7.14
C VAL B 115 0.85 6.90 8.19
N PRO B 116 -0.33 7.55 8.08
CA PRO B 116 -0.65 8.60 9.07
C PRO B 116 -1.25 8.07 10.36
N LEU B 117 -1.07 8.84 11.43
CA LEU B 117 -1.83 8.65 12.68
C LEU B 117 -3.16 9.44 12.60
N PRO B 118 -4.21 9.01 13.33
CA PRO B 118 -4.25 7.89 14.26
C PRO B 118 -4.34 6.55 13.55
N PHE B 120 -5.50 2.57 14.11
CA PHE B 120 -6.34 1.71 14.93
C PHE B 120 -5.90 0.24 14.81
N VAL B 121 -6.17 -0.55 15.83
CA VAL B 121 -5.92 -1.99 15.75
C VAL B 121 -6.94 -2.73 16.60
N ASN B 122 -7.41 -3.89 16.11
CA ASN B 122 -8.30 -4.75 16.88
C ASN B 122 -7.49 -5.90 17.46
N VAL B 123 -7.74 -6.19 18.72
CA VAL B 123 -7.00 -7.26 19.43
C VAL B 123 -7.96 -8.15 20.20
N GLU B 124 -7.73 -9.48 20.19
CA GLU B 124 -8.60 -10.36 21.00
C GLU B 124 -8.33 -10.09 22.46
N LYS B 125 -9.40 -10.01 23.26
CA LYS B 125 -9.33 -9.56 24.64
C LYS B 125 -8.38 -10.40 25.52
N GLY B 126 -8.23 -11.68 25.20
CA GLY B 126 -7.41 -12.56 26.05
C GLY B 126 -5.98 -12.72 25.60
N ASN B 127 -5.59 -11.94 24.58
CA ASN B 127 -4.24 -12.05 24.06
C ASN B 127 -3.36 -11.08 24.84
N GLU B 128 -2.97 -11.52 26.04
CA GLU B 128 -2.30 -10.66 26.99
C GLU B 128 -0.99 -10.10 26.44
N THR B 129 -0.29 -10.93 25.66
CA THR B 129 0.96 -10.52 25.01
C THR B 129 0.76 -9.36 24.01
N ALA B 130 -0.24 -9.47 23.15
CA ALA B 130 -0.51 -8.37 22.20
C ALA B 130 -1.03 -7.12 22.94
N ILE B 131 -1.92 -7.32 23.90
CA ILE B 131 -2.46 -6.20 24.66
C ILE B 131 -1.32 -5.44 25.36
N HIS B 132 -0.45 -6.17 26.05
CA HIS B 132 0.72 -5.54 26.71
C HIS B 132 1.58 -4.76 25.72
N PHE B 133 1.82 -5.34 24.53
CA PHE B 133 2.60 -4.69 23.49
C PHE B 133 1.95 -3.38 23.06
N TYR B 134 0.67 -3.41 22.69
CA TYR B 134 0.03 -2.15 22.25
C TYR B 134 -0.03 -1.08 23.35
N LYS B 135 -0.38 -1.49 24.56
CA LYS B 135 -0.41 -0.54 25.67
C LYS B 135 0.99 0.06 25.91
N ALA B 136 2.04 -0.77 25.82
CA ALA B 136 3.42 -0.32 25.99
C ALA B 136 3.83 0.70 24.95
N LYS B 137 3.31 0.59 23.73
CA LYS B 137 3.60 1.53 22.66
C LYS B 137 2.72 2.79 22.72
N GLY B 138 1.85 2.87 23.72
CA GLY B 138 1.01 4.07 23.95
C GLY B 138 -0.39 4.01 23.30
N PHE B 139 -0.79 2.84 22.81
CA PHE B 139 -2.16 2.65 22.31
C PHE B 139 -3.19 2.75 23.45
N VAL B 140 -4.36 3.26 23.12
CA VAL B 140 -5.41 3.51 24.12
C VAL B 140 -6.70 2.84 23.63
N GLN B 141 -7.39 2.13 24.51
CA GLN B 141 -8.61 1.43 24.12
C GLN B 141 -9.68 2.47 23.80
N VAL B 142 -10.37 2.31 22.68
CA VAL B 142 -11.48 3.23 22.39
C VAL B 142 -12.83 2.53 22.17
N GLU B 143 -12.80 1.25 21.84
CA GLU B 143 -14.03 0.52 21.61
C GLU B 143 -13.89 -0.93 22.07
N GLU B 144 -15.01 -1.59 22.28
CA GLU B 144 -15.06 -2.98 22.71
C GLU B 144 -16.25 -3.64 21.99
N PHE B 145 -16.08 -4.84 21.44
CA PHE B 145 -17.21 -5.51 20.76
C PHE B 145 -16.97 -7.00 20.65
N THR B 146 -18.05 -7.76 20.44
CA THR B 146 -17.89 -9.20 20.25
C THR B 146 -18.01 -9.50 18.75
N GLU B 147 -16.97 -10.10 18.20
CA GLU B 147 -17.00 -10.56 16.79
C GLU B 147 -17.63 -11.97 16.72
N ASP B 148 -18.46 -12.23 15.70
CA ASP B 148 -18.96 -13.58 15.48
C ASP B 148 -17.97 -14.19 14.50
N PHE B 149 -17.22 -15.20 14.94
CA PHE B 149 -16.21 -15.83 14.11
C PHE B 149 -16.65 -17.25 13.84
N TYR B 150 -17.28 -17.50 12.69
CA TYR B 150 -17.87 -18.81 12.38
C TYR B 150 -18.74 -19.33 13.54
N GLY B 151 -19.47 -18.42 14.20
CA GLY B 151 -20.41 -18.83 15.21
C GLY B 151 -19.79 -18.85 16.59
N TYR B 152 -18.48 -18.59 16.67
CA TYR B 152 -17.78 -18.48 17.99
C TYR B 152 -17.64 -17.00 18.34
N PRO B 153 -17.84 -16.66 19.62
CA PRO B 153 -17.64 -15.30 20.07
C PRO B 153 -16.14 -14.98 20.20
N LEU B 154 -15.75 -13.81 19.71
CA LEU B 154 -14.37 -13.33 19.90
C LEU B 154 -14.50 -11.95 20.50
N GLU B 155 -14.19 -11.83 21.78
CA GLU B 155 -14.22 -10.54 22.46
C GLU B 155 -13.06 -9.72 21.96
N THR B 156 -13.34 -8.53 21.46
CA THR B 156 -12.33 -7.75 20.75
C THR B 156 -12.22 -6.37 21.40
N ILE B 157 -10.98 -5.93 21.56
CA ILE B 157 -10.69 -4.54 21.98
C ILE B 157 -10.10 -3.78 20.84
N ARG B 158 -10.65 -2.59 20.59
CA ARG B 158 -10.12 -1.76 19.54
C ARG B 158 -9.36 -0.61 20.21
N PHE B 159 -8.11 -0.42 19.77
CA PHE B 159 -7.21 0.59 20.32
C PHE B 159 -6.85 1.57 19.22
N ASN B 160 -6.38 2.75 19.60
CA ASN B 160 -5.65 3.55 18.61
C ASN B 160 -4.40 4.17 19.22
N LEU B 161 -3.50 4.55 18.33
CA LEU B 161 -2.29 5.32 18.65
C LEU B 161 -2.35 6.62 17.87
N ASN B 162 -2.04 7.73 18.55
CA ASN B 162 -2.13 9.02 17.91
C ASN B 162 -0.98 9.95 18.29
N HIS B 163 0.16 9.36 18.64
CA HIS B 163 1.38 10.13 18.86
C HIS B 163 2.61 9.29 18.52
#